data_2FKF
#
_entry.id   2FKF
#
_cell.length_a   70.865
_cell.length_b   72.849
_cell.length_c   91.258
_cell.angle_alpha   90.00
_cell.angle_beta   90.00
_cell.angle_gamma   90.00
#
_symmetry.space_group_name_H-M   'P 21 21 21'
#
loop_
_entity.id
_entity.type
_entity.pdbx_description
1 polymer Phosphomannomutase/phosphoglucomutase
2 non-polymer 1,6-di-O-phosphono-alpha-D-glucopyranose
3 non-polymer 'ZINC ION'
4 water water
#
_entity_poly.entity_id   1
_entity_poly.type   'polypeptide(L)'
_entity_poly.pdbx_seq_one_letter_code
;STAKAPTLPASIFRAYDIRGVVGDTLTAETAYWIGRAIGSESLARGEPCVAVGRDGRLSGPELVKQLIQGLVDCGCQVSD
VGMVPTPVLYYAANVLEGKSGVMLTG(SEP)HNPPDYNGFKIVVAGETLANEQIQALRERIEKNDLASGVGSVEQVDILP
RYFKQIRDDIAMAKPMKVVVDCGNGVAGVIAPQLIEALGCSVIPLYCEVDGNFPNHHPDPGKPENLKDLIAKVKAENADL
GLAFDGDGDRVGVVTNTGTIIYPDRLLMLFAKDVVSRNPGADIIFDVKCTRRLIALISGYGGRPVMWKTGHSLIKKKMKE
TGALLAGEMSGHVFFKERWFGFDDGIYSAARLLEILSQDQRDSEHVFSAFPSDISTPEINITVTEDSKFAIIEALQRDAQ
WGEGNITTLDGVRVDYPKGWGLVRASNTTPVLVLRFEADTEEELERIKTVFRNQLKAVDSSLPVPF
;
_entity_poly.pdbx_strand_id   A
#
loop_
_chem_comp.id
_chem_comp.type
_chem_comp.name
_chem_comp.formula
G16 D-saccharide 1,6-di-O-phosphono-alpha-D-glucopyranose 'C6 H13 O12 P2 -1'
ZN non-polymer 'ZINC ION' 'Zn 2'
#
# COMPACT_ATOMS: atom_id res chain seq x y z
N LEU A 8 2.66 22.75 -16.15
CA LEU A 8 2.10 21.54 -15.49
C LEU A 8 1.37 21.91 -14.20
N PRO A 9 0.21 21.27 -13.93
CA PRO A 9 -0.57 21.58 -12.71
C PRO A 9 0.03 21.03 -11.41
N ALA A 10 0.19 21.91 -10.41
CA ALA A 10 0.77 21.53 -9.11
C ALA A 10 0.03 20.40 -8.37
N SER A 11 -1.28 20.30 -8.57
CA SER A 11 -2.11 19.35 -7.82
C SER A 11 -1.79 17.87 -8.10
N ILE A 12 -1.23 17.56 -9.27
CA ILE A 12 -0.92 16.16 -9.60
C ILE A 12 0.34 15.67 -8.86
N PHE A 13 1.18 16.59 -8.41
CA PHE A 13 2.39 16.27 -7.68
C PHE A 13 2.05 16.14 -6.20
N ARG A 14 1.79 14.89 -5.79
CA ARG A 14 1.25 14.59 -4.46
C ARG A 14 2.35 14.22 -3.45
N ALA A 15 1.94 13.84 -2.25
CA ALA A 15 2.89 13.52 -1.19
C ALA A 15 3.76 12.31 -1.51
N TYR A 16 3.16 11.22 -2.01
CA TYR A 16 3.89 9.95 -2.22
C TYR A 16 3.89 9.48 -3.69
N ASP A 17 3.36 10.29 -4.59
CA ASP A 17 3.33 9.94 -6.01
C ASP A 17 2.88 11.10 -6.88
N ILE A 18 2.73 10.81 -8.16
CA ILE A 18 2.05 11.69 -9.08
C ILE A 18 0.78 10.98 -9.55
N ARG A 19 -0.33 11.71 -9.59
CA ARG A 19 -1.63 11.14 -9.92
C ARG A 19 -2.50 12.24 -10.53
N GLY A 20 -3.14 11.93 -11.65
CA GLY A 20 -4.00 12.89 -12.34
C GLY A 20 -5.00 12.22 -13.27
N VAL A 21 -5.84 13.05 -13.89
CA VAL A 21 -6.84 12.56 -14.84
C VAL A 21 -6.33 12.79 -16.27
N VAL A 22 -6.20 11.70 -17.03
CA VAL A 22 -5.51 11.73 -18.33
C VAL A 22 -6.15 12.67 -19.37
N GLY A 23 -7.46 12.84 -19.34
CA GLY A 23 -8.10 13.81 -20.23
C GLY A 23 -7.82 15.26 -19.83
N ASP A 24 -7.60 15.48 -18.53
CA ASP A 24 -7.70 16.78 -17.91
C ASP A 24 -6.35 17.28 -17.36
N THR A 25 -5.92 16.75 -16.22
CA THR A 25 -4.75 17.27 -15.52
C THR A 25 -3.43 16.58 -15.88
N LEU A 26 -3.53 15.45 -16.58
CA LEU A 26 -2.36 14.68 -16.96
C LEU A 26 -2.37 14.45 -18.46
N THR A 27 -1.55 15.20 -19.19
CA THR A 27 -1.49 15.08 -20.65
C THR A 27 -0.27 14.26 -21.06
N ALA A 28 -0.20 13.93 -22.35
CA ALA A 28 0.98 13.29 -22.92
C ALA A 28 2.20 14.20 -22.71
N GLU A 29 2.03 15.49 -22.95
CA GLU A 29 3.09 16.46 -22.78
C GLU A 29 3.61 16.45 -21.34
N THR A 30 2.69 16.44 -20.38
CA THR A 30 3.06 16.44 -18.97
C THR A 30 3.88 15.19 -18.64
N ALA A 31 3.41 14.04 -19.12
CA ALA A 31 4.14 12.78 -18.94
C ALA A 31 5.57 12.83 -19.47
N TYR A 32 5.77 13.49 -20.61
CA TYR A 32 7.13 13.67 -21.16
C TYR A 32 8.03 14.46 -20.22
N TRP A 33 7.54 15.61 -19.75
CA TRP A 33 8.34 16.46 -18.86
C TRP A 33 8.57 15.81 -17.49
N ILE A 34 7.63 14.98 -17.02
CA ILE A 34 7.83 14.20 -15.82
C ILE A 34 8.96 13.18 -16.01
N GLY A 35 8.97 12.49 -17.14
CA GLY A 35 10.08 11.60 -17.49
C GLY A 35 11.42 12.34 -17.52
N ARG A 36 11.39 13.56 -18.06
CA ARG A 36 12.56 14.42 -18.14
C ARG A 36 13.07 14.82 -16.75
N ALA A 37 12.17 15.14 -15.83
CA ALA A 37 12.53 15.49 -14.45
C ALA A 37 13.07 14.29 -13.67
N ILE A 38 12.42 13.13 -13.83
CA ILE A 38 12.84 11.90 -13.16
C ILE A 38 14.23 11.48 -13.62
N GLY A 39 14.45 11.48 -14.93
CA GLY A 39 15.74 11.12 -15.52
C GLY A 39 16.85 12.03 -15.04
N SER A 40 16.58 13.33 -15.02
CA SER A 40 17.54 14.31 -14.53
C SER A 40 17.93 14.04 -13.08
N GLU A 41 16.95 13.69 -12.25
CA GLU A 41 17.21 13.43 -10.84
C GLU A 41 17.96 12.11 -10.65
N SER A 42 17.64 11.09 -11.44
CA SER A 42 18.38 9.83 -11.38
C SER A 42 19.85 10.07 -11.73
N LEU A 43 20.10 10.81 -12.80
CA LEU A 43 21.47 11.14 -13.18
C LEU A 43 22.19 11.94 -12.09
N ALA A 44 21.47 12.86 -11.45
CA ALA A 44 22.03 13.67 -10.36
C ALA A 44 22.45 12.83 -9.16
N ARG A 45 21.81 11.66 -9.00
CA ARG A 45 22.20 10.71 -7.97
C ARG A 45 23.12 9.59 -8.48
N GLY A 46 23.67 9.77 -9.68
CA GLY A 46 24.67 8.85 -10.23
C GLY A 46 24.12 7.62 -10.91
N GLU A 47 22.82 7.63 -11.23
CA GLU A 47 22.15 6.47 -11.78
C GLU A 47 21.55 6.70 -13.18
N PRO A 48 22.27 6.31 -14.25
CA PRO A 48 21.69 6.41 -15.59
C PRO A 48 20.66 5.34 -15.95
N CYS A 49 20.60 4.25 -15.19
CA CYS A 49 19.75 3.11 -15.54
C CYS A 49 18.40 3.12 -14.80
N VAL A 50 17.31 3.14 -15.59
CA VAL A 50 15.96 3.29 -15.06
C VAL A 50 15.02 2.24 -15.65
N ALA A 51 14.37 1.47 -14.79
CA ALA A 51 13.31 0.58 -15.21
C ALA A 51 11.98 1.34 -15.39
N VAL A 52 11.20 0.93 -16.39
CA VAL A 52 9.87 1.50 -16.61
C VAL A 52 8.85 0.38 -16.83
N GLY A 53 7.76 0.43 -16.07
CA GLY A 53 6.65 -0.50 -16.18
C GLY A 53 5.34 0.27 -16.19
N ARG A 54 4.27 -0.36 -16.66
CA ARG A 54 2.94 0.23 -16.58
C ARG A 54 1.85 -0.75 -16.15
N ASP A 55 0.72 -0.24 -15.66
CA ASP A 55 -0.41 -1.11 -15.32
C ASP A 55 -1.32 -1.33 -16.54
N GLY A 56 -2.51 -1.88 -16.34
CA GLY A 56 -3.40 -2.23 -17.45
C GLY A 56 -4.37 -1.15 -17.87
N ARG A 57 -4.08 0.10 -17.53
CA ARG A 57 -5.01 1.20 -17.84
C ARG A 57 -5.05 1.52 -19.33
N LEU A 58 -6.16 2.10 -19.79
CA LEU A 58 -6.34 2.38 -21.21
C LEU A 58 -5.33 3.40 -21.77
N SER A 59 -4.87 4.31 -20.90
CA SER A 59 -3.94 5.37 -21.31
C SER A 59 -2.49 4.95 -21.22
N GLY A 60 -2.24 3.74 -20.73
CA GLY A 60 -0.89 3.23 -20.51
C GLY A 60 0.05 3.39 -21.69
N PRO A 61 -0.32 2.83 -22.85
CA PRO A 61 0.43 3.01 -24.09
C PRO A 61 0.79 4.46 -24.47
N GLU A 62 -0.20 5.35 -24.59
CA GLU A 62 0.08 6.74 -24.95
C GLU A 62 1.00 7.44 -23.94
N LEU A 63 0.75 7.22 -22.65
CA LEU A 63 1.53 7.89 -21.64
C LEU A 63 2.93 7.29 -21.46
N VAL A 64 3.05 5.96 -21.52
CA VAL A 64 4.33 5.32 -21.22
C VAL A 64 5.40 5.72 -22.25
N LYS A 65 5.01 5.85 -23.51
CA LYS A 65 5.92 6.29 -24.56
C LYS A 65 6.50 7.68 -24.27
N GLN A 66 5.69 8.57 -23.70
CA GLN A 66 6.15 9.91 -23.36
C GLN A 66 7.12 9.86 -22.19
N LEU A 67 6.74 9.11 -21.17
CA LEU A 67 7.59 8.87 -20.00
C LEU A 67 8.96 8.38 -20.41
N ILE A 68 9.01 7.34 -21.22
CA ILE A 68 10.27 6.78 -21.71
C ILE A 68 11.08 7.79 -22.52
N GLN A 69 10.43 8.49 -23.46
CA GLN A 69 11.13 9.46 -24.29
C GLN A 69 11.75 10.56 -23.43
N GLY A 70 11.05 10.98 -22.38
CA GLY A 70 11.59 11.98 -21.46
C GLY A 70 12.85 11.47 -20.77
N LEU A 71 12.84 10.20 -20.36
CA LEU A 71 13.99 9.59 -19.71
C LEU A 71 15.12 9.48 -20.72
N VAL A 72 14.80 8.98 -21.92
CA VAL A 72 15.77 8.88 -23.01
C VAL A 72 16.38 10.24 -23.38
N ASP A 73 15.57 11.29 -23.46
CA ASP A 73 16.09 12.62 -23.80
C ASP A 73 17.00 13.21 -22.70
N CYS A 74 17.12 12.53 -21.57
CA CYS A 74 18.12 12.88 -20.55
C CYS A 74 19.46 12.18 -20.76
N GLY A 75 19.46 11.09 -21.54
CA GLY A 75 20.63 10.23 -21.67
C GLY A 75 20.55 8.98 -20.80
N CYS A 76 19.37 8.71 -20.23
CA CYS A 76 19.17 7.51 -19.44
C CYS A 76 19.12 6.26 -20.30
N GLN A 77 19.57 5.15 -19.71
CA GLN A 77 19.43 3.84 -20.27
C GLN A 77 18.16 3.21 -19.67
N VAL A 78 17.11 3.17 -20.47
CA VAL A 78 15.80 2.71 -20.01
C VAL A 78 15.65 1.23 -20.26
N SER A 79 15.19 0.51 -19.24
CA SER A 79 14.73 -0.87 -19.37
C SER A 79 13.20 -0.91 -19.32
N ASP A 80 12.59 -1.12 -20.47
CA ASP A 80 11.13 -1.09 -20.59
C ASP A 80 10.59 -2.50 -20.35
N VAL A 81 9.99 -2.72 -19.19
CA VAL A 81 9.49 -4.05 -18.80
C VAL A 81 8.02 -4.27 -19.12
N GLY A 82 7.42 -3.33 -19.85
CA GLY A 82 6.05 -3.47 -20.35
C GLY A 82 4.99 -3.37 -19.27
N MET A 83 3.89 -4.08 -19.49
CA MET A 83 2.77 -4.04 -18.57
C MET A 83 3.03 -5.05 -17.44
N VAL A 84 3.18 -4.54 -16.21
CA VAL A 84 3.46 -5.40 -15.07
C VAL A 84 2.83 -4.81 -13.81
N PRO A 85 2.59 -5.66 -12.79
CA PRO A 85 2.23 -5.11 -11.48
C PRO A 85 3.31 -4.20 -10.91
N THR A 86 2.87 -3.24 -10.10
CA THR A 86 3.79 -2.32 -9.44
C THR A 86 4.94 -3.01 -8.73
N PRO A 87 4.66 -4.04 -7.90
CA PRO A 87 5.81 -4.72 -7.27
C PRO A 87 6.81 -5.35 -8.21
N VAL A 88 6.39 -5.71 -9.43
CA VAL A 88 7.30 -6.31 -10.42
C VAL A 88 8.25 -5.22 -10.93
N LEU A 89 7.73 -4.02 -11.09
CA LEU A 89 8.56 -2.87 -11.44
C LEU A 89 9.56 -2.58 -10.32
N TYR A 90 9.10 -2.57 -9.06
CA TYR A 90 10.01 -2.42 -7.92
C TYR A 90 11.08 -3.52 -7.93
N TYR A 91 10.65 -4.74 -8.25
CA TYR A 91 11.55 -5.89 -8.37
C TYR A 91 12.63 -5.61 -9.41
N ALA A 92 12.19 -5.16 -10.59
CA ALA A 92 13.12 -4.84 -11.67
C ALA A 92 14.18 -3.84 -11.21
N ALA A 93 13.76 -2.81 -10.47
CA ALA A 93 14.66 -1.82 -9.91
C ALA A 93 15.51 -2.31 -8.73
N ASN A 94 15.40 -3.60 -8.39
CA ASN A 94 16.25 -4.25 -7.40
C ASN A 94 17.17 -5.30 -8.00
N VAL A 95 16.79 -5.89 -9.13
CA VAL A 95 17.60 -6.96 -9.73
C VAL A 95 18.31 -6.60 -11.02
N LEU A 96 17.82 -5.59 -11.75
CA LEU A 96 18.47 -5.11 -12.96
C LEU A 96 19.70 -4.29 -12.58
N GLU A 97 20.37 -3.69 -13.57
CA GLU A 97 21.60 -2.93 -13.30
C GLU A 97 21.32 -1.68 -12.45
N GLY A 98 20.30 -0.93 -12.84
CA GLY A 98 19.93 0.31 -12.17
C GLY A 98 19.06 0.14 -10.94
N LYS A 99 19.19 1.09 -10.01
CA LYS A 99 18.37 1.12 -8.81
C LYS A 99 17.25 2.15 -8.92
N SER A 100 17.05 2.68 -10.12
CA SER A 100 15.92 3.56 -10.40
C SER A 100 14.83 2.83 -11.18
N GLY A 101 13.57 3.22 -10.92
CA GLY A 101 12.41 2.68 -11.58
C GLY A 101 11.23 3.63 -11.55
N VAL A 102 10.44 3.62 -12.61
CA VAL A 102 9.16 4.36 -12.65
C VAL A 102 8.00 3.42 -13.02
N MET A 103 6.96 3.40 -12.20
CA MET A 103 5.72 2.68 -12.49
C MET A 103 4.70 3.68 -12.95
N LEU A 104 4.18 3.50 -14.17
CA LEU A 104 3.06 4.28 -14.65
C LEU A 104 1.75 3.62 -14.20
N THR A 105 1.11 4.18 -13.19
CA THR A 105 -0.12 3.59 -12.67
C THR A 105 -1.06 4.60 -12.00
N GLY A 106 -2.35 4.30 -12.09
CA GLY A 106 -3.38 5.02 -11.34
C GLY A 106 -3.96 4.20 -10.20
N SEP A 107 -3.24 3.15 -9.80
CA SEP A 107 -3.55 2.31 -8.66
CB SEP A 107 -3.33 3.11 -7.36
OG SEP A 107 -3.72 2.39 -6.21
C SEP A 107 -4.96 1.67 -8.74
O SEP A 107 -5.21 0.81 -9.60
P SEP A 107 -2.78 2.65 -4.90
O1P SEP A 107 -3.73 2.87 -3.63
O2P SEP A 107 -1.81 3.90 -5.10
O3P SEP A 107 -1.94 1.32 -4.67
N HIS A 108 -5.88 2.11 -7.88
CA HIS A 108 -7.24 1.56 -7.85
C HIS A 108 -8.29 2.57 -8.33
N ASN A 109 -7.85 3.72 -8.82
CA ASN A 109 -8.76 4.80 -9.24
C ASN A 109 -9.57 4.42 -10.49
N PRO A 110 -10.60 5.22 -10.83
CA PRO A 110 -11.38 4.98 -12.06
C PRO A 110 -10.53 5.02 -13.35
N PRO A 111 -11.04 4.42 -14.46
CA PRO A 111 -10.32 4.21 -15.72
C PRO A 111 -9.42 5.33 -16.26
N ASP A 112 -9.87 6.59 -16.11
CA ASP A 112 -9.17 7.74 -16.71
C ASP A 112 -8.06 8.31 -15.85
N TYR A 113 -7.92 7.80 -14.64
CA TYR A 113 -6.82 8.17 -13.78
C TYR A 113 -5.55 7.43 -14.20
N ASN A 114 -4.42 8.12 -14.14
CA ASN A 114 -3.13 7.48 -14.23
C ASN A 114 -2.13 8.30 -13.44
N GLY A 115 -0.87 7.86 -13.42
CA GLY A 115 0.13 8.50 -12.58
C GLY A 115 1.46 7.76 -12.55
N PHE A 116 2.29 8.14 -11.59
CA PHE A 116 3.66 7.66 -11.49
C PHE A 116 4.04 7.36 -10.03
N LYS A 117 4.61 6.18 -9.81
CA LYS A 117 5.31 5.87 -8.58
C LYS A 117 6.79 5.74 -8.91
N ILE A 118 7.64 6.41 -8.14
CA ILE A 118 8.99 6.70 -8.57
C ILE A 118 10.03 6.29 -7.52
N VAL A 119 10.99 5.48 -7.97
CA VAL A 119 12.16 5.11 -7.19
C VAL A 119 13.39 5.67 -7.88
N VAL A 120 14.21 6.42 -7.16
CA VAL A 120 15.48 6.94 -7.69
C VAL A 120 16.67 6.49 -6.80
N ALA A 121 17.60 5.76 -7.41
CA ALA A 121 18.78 5.24 -6.73
C ALA A 121 18.45 4.63 -5.38
N GLY A 122 17.44 3.77 -5.36
CA GLY A 122 17.06 3.04 -4.17
C GLY A 122 15.94 3.67 -3.35
N GLU A 123 15.76 4.97 -3.46
CA GLU A 123 14.79 5.67 -2.61
C GLU A 123 13.47 5.94 -3.30
N THR A 124 12.38 5.63 -2.62
CA THR A 124 11.05 5.93 -3.12
C THR A 124 10.73 7.38 -2.76
N LEU A 125 10.43 8.19 -3.77
CA LEU A 125 10.29 9.62 -3.57
C LEU A 125 9.01 9.97 -2.80
N ALA A 126 9.13 10.98 -1.92
CA ALA A 126 8.01 11.51 -1.17
C ALA A 126 8.14 13.03 -0.98
N ASN A 127 6.99 13.66 -0.70
CA ASN A 127 6.90 15.04 -0.26
C ASN A 127 7.75 16.00 -1.08
N GLU A 128 8.83 16.52 -0.49
CA GLU A 128 9.64 17.54 -1.11
C GLU A 128 10.36 17.04 -2.38
N GLN A 129 10.70 15.75 -2.39
CA GLN A 129 11.39 15.13 -3.51
C GLN A 129 10.52 15.11 -4.76
N ILE A 130 9.23 14.87 -4.58
CA ILE A 130 8.28 14.91 -5.67
C ILE A 130 8.06 16.36 -6.13
N GLN A 131 7.91 17.26 -5.18
CA GLN A 131 7.70 18.68 -5.53
C GLN A 131 8.93 19.23 -6.28
N ALA A 132 10.11 18.70 -5.97
CA ALA A 132 11.35 19.08 -6.67
C ALA A 132 11.35 18.66 -8.14
N LEU A 133 10.63 17.60 -8.47
CA LEU A 133 10.52 17.16 -9.87
C LEU A 133 9.79 18.22 -10.69
N ARG A 134 8.68 18.70 -10.15
CA ARG A 134 7.89 19.78 -10.74
C ARG A 134 8.77 21.03 -10.88
N GLU A 135 9.39 21.41 -9.77
CA GLU A 135 10.31 22.54 -9.73
C GLU A 135 11.33 22.49 -10.87
N ARG A 136 11.86 21.30 -11.15
CA ARG A 136 12.78 21.10 -12.27
C ARG A 136 12.14 21.53 -13.59
N ILE A 137 10.88 21.17 -13.78
CA ILE A 137 10.18 21.46 -15.03
C ILE A 137 9.91 22.95 -15.16
N GLU A 138 9.49 23.58 -14.07
CA GLU A 138 9.24 25.02 -14.05
C GLU A 138 10.53 25.81 -14.34
N LYS A 139 11.65 25.38 -13.76
CA LYS A 139 12.92 26.10 -13.93
C LYS A 139 13.78 25.63 -15.13
N ASN A 140 13.30 24.62 -15.87
CA ASN A 140 14.11 23.94 -16.89
C ASN A 140 15.47 23.50 -16.34
N ASP A 141 15.45 22.93 -15.13
CA ASP A 141 16.63 22.35 -14.51
C ASP A 141 16.67 20.88 -14.93
N LEU A 142 16.93 20.64 -16.21
CA LEU A 142 16.76 19.31 -16.81
C LEU A 142 18.00 18.87 -17.59
N ALA A 143 18.34 17.58 -17.48
CA ALA A 143 19.46 17.01 -18.22
C ALA A 143 19.07 16.79 -19.67
N SER A 144 20.06 16.83 -20.54
CA SER A 144 19.87 16.59 -21.96
C SER A 144 20.92 15.58 -22.42
N GLY A 145 20.48 14.57 -23.17
CA GLY A 145 21.35 13.48 -23.59
C GLY A 145 20.68 12.57 -24.62
N VAL A 146 21.45 11.63 -25.12
CA VAL A 146 20.99 10.67 -26.10
C VAL A 146 20.92 9.32 -25.41
N GLY A 147 19.76 9.01 -24.84
CA GLY A 147 19.59 7.78 -24.10
C GLY A 147 19.38 6.55 -24.97
N SER A 148 18.98 5.46 -24.32
CA SER A 148 18.68 4.21 -25.01
C SER A 148 17.52 3.48 -24.34
N VAL A 149 16.85 2.63 -25.12
CA VAL A 149 15.78 1.78 -24.60
C VAL A 149 16.13 0.34 -24.87
N GLU A 150 15.95 -0.49 -23.84
CA GLU A 150 16.12 -1.92 -23.96
C GLU A 150 14.84 -2.56 -23.46
N GLN A 151 14.30 -3.49 -24.22
CA GLN A 151 13.16 -4.26 -23.71
C GLN A 151 13.63 -5.39 -22.82
N VAL A 152 12.97 -5.55 -21.69
CA VAL A 152 13.27 -6.61 -20.74
C VAL A 152 11.98 -7.32 -20.36
N ASP A 153 12.00 -8.65 -20.38
CA ASP A 153 10.88 -9.49 -20.00
C ASP A 153 11.16 -9.98 -18.58
N ILE A 154 10.63 -9.30 -17.56
CA ILE A 154 11.03 -9.57 -16.16
C ILE A 154 10.08 -10.50 -15.41
N LEU A 155 8.84 -10.62 -15.89
CA LEU A 155 7.83 -11.44 -15.22
C LEU A 155 8.31 -12.87 -14.94
N PRO A 156 8.81 -13.58 -15.96
CA PRO A 156 9.23 -14.96 -15.71
C PRO A 156 10.23 -15.08 -14.55
N ARG A 157 11.15 -14.15 -14.46
CA ARG A 157 12.15 -14.11 -13.38
C ARG A 157 11.51 -13.86 -12.00
N TYR A 158 10.62 -12.87 -11.94
CA TYR A 158 9.87 -12.58 -10.71
C TYR A 158 9.10 -13.80 -10.26
N PHE A 159 8.38 -14.42 -11.21
CA PHE A 159 7.61 -15.65 -10.98
C PHE A 159 8.46 -16.74 -10.35
N LYS A 160 9.60 -17.04 -10.99
CA LYS A 160 10.49 -18.10 -10.53
C LYS A 160 11.10 -17.77 -9.16
N GLN A 161 11.42 -16.50 -8.91
CA GLN A 161 11.96 -16.06 -7.61
C GLN A 161 11.05 -16.43 -6.44
N ILE A 162 9.76 -16.10 -6.57
CA ILE A 162 8.78 -16.40 -5.52
C ILE A 162 8.53 -17.90 -5.44
N ARG A 163 8.18 -18.52 -6.57
CA ARG A 163 7.90 -19.94 -6.63
C ARG A 163 9.01 -20.75 -5.94
N ASP A 164 10.25 -20.38 -6.21
CA ASP A 164 11.43 -21.06 -5.68
C ASP A 164 11.56 -20.94 -4.16
N ASP A 165 11.18 -19.82 -3.59
CA ASP A 165 11.33 -19.61 -2.15
C ASP A 165 10.12 -19.97 -1.27
N ILE A 166 8.97 -20.24 -1.87
CA ILE A 166 7.77 -20.57 -1.10
C ILE A 166 7.65 -22.09 -1.01
N ALA A 167 7.31 -22.58 0.19
CA ALA A 167 7.19 -24.00 0.45
C ALA A 167 5.83 -24.33 1.07
N MET A 168 4.81 -24.46 0.23
CA MET A 168 3.47 -24.82 0.70
C MET A 168 3.39 -26.29 1.07
N ALA A 169 2.76 -26.60 2.20
CA ALA A 169 2.59 -28.00 2.63
C ALA A 169 1.27 -28.59 2.08
N LYS A 170 0.13 -28.32 2.71
CA LYS A 170 -1.13 -28.91 2.25
C LYS A 170 -1.58 -28.22 0.94
N PRO A 171 -2.51 -28.85 0.20
CA PRO A 171 -3.06 -28.13 -0.95
C PRO A 171 -4.19 -27.22 -0.48
N MET A 172 -4.40 -26.11 -1.19
CA MET A 172 -5.46 -25.17 -0.86
C MET A 172 -6.24 -24.75 -2.10
N LYS A 173 -7.54 -24.61 -1.95
CA LYS A 173 -8.39 -24.07 -3.01
C LYS A 173 -8.59 -22.57 -2.69
N VAL A 174 -8.27 -21.71 -3.66
CA VAL A 174 -8.23 -20.27 -3.41
C VAL A 174 -8.98 -19.51 -4.48
N VAL A 175 -9.89 -18.63 -4.07
CA VAL A 175 -10.54 -17.72 -5.02
C VAL A 175 -9.66 -16.48 -5.16
N VAL A 176 -9.33 -16.10 -6.39
CA VAL A 176 -8.44 -14.96 -6.65
C VAL A 176 -9.18 -13.92 -7.50
N ASP A 177 -9.36 -12.71 -6.95
CA ASP A 177 -10.11 -11.62 -7.60
C ASP A 177 -9.12 -10.50 -7.91
N CYS A 178 -8.87 -10.25 -9.19
CA CYS A 178 -7.94 -9.22 -9.62
C CYS A 178 -8.61 -7.92 -10.00
N GLY A 179 -9.94 -7.91 -9.94
CA GLY A 179 -10.76 -6.75 -10.31
C GLY A 179 -10.42 -6.16 -11.68
N ASN A 180 -10.06 -7.02 -12.62
CA ASN A 180 -9.68 -6.61 -13.98
C ASN A 180 -8.45 -5.69 -14.03
N GLY A 181 -7.66 -5.70 -12.96
CA GLY A 181 -6.43 -4.94 -12.89
C GLY A 181 -5.26 -5.81 -13.34
N VAL A 182 -4.05 -5.27 -13.25
CA VAL A 182 -2.89 -5.91 -13.87
C VAL A 182 -2.33 -7.11 -13.11
N ALA A 183 -2.83 -7.38 -11.89
CA ALA A 183 -2.41 -8.57 -11.13
C ALA A 183 -2.78 -9.88 -11.85
N GLY A 184 -3.83 -9.83 -12.65
CA GLY A 184 -4.25 -10.97 -13.46
C GLY A 184 -3.21 -11.57 -14.37
N VAL A 185 -2.16 -10.82 -14.70
CA VAL A 185 -1.06 -11.34 -15.52
C VAL A 185 -0.19 -12.37 -14.80
N ILE A 186 -0.28 -12.46 -13.47
CA ILE A 186 0.61 -13.33 -12.72
C ILE A 186 0.05 -13.98 -11.47
N ALA A 187 -0.84 -13.31 -10.74
CA ALA A 187 -1.26 -13.82 -9.44
C ALA A 187 -1.97 -15.19 -9.53
N PRO A 188 -2.97 -15.33 -10.42
CA PRO A 188 -3.62 -16.64 -10.54
C PRO A 188 -2.67 -17.76 -10.95
N GLN A 189 -1.79 -17.49 -11.91
CA GLN A 189 -0.85 -18.49 -12.39
C GLN A 189 0.20 -18.84 -11.33
N LEU A 190 0.76 -17.81 -10.69
CA LEU A 190 1.72 -18.01 -9.60
C LEU A 190 1.11 -18.78 -8.43
N ILE A 191 -0.06 -18.34 -7.97
CA ILE A 191 -0.74 -19.05 -6.87
C ILE A 191 -1.00 -20.53 -7.20
N GLU A 192 -1.46 -20.82 -8.41
CA GLU A 192 -1.62 -22.21 -8.88
C GLU A 192 -0.32 -23.00 -8.76
N ALA A 193 0.77 -22.40 -9.27
CA ALA A 193 2.09 -23.02 -9.30
C ALA A 193 2.63 -23.34 -7.90
N LEU A 194 2.25 -22.52 -6.93
CA LEU A 194 2.65 -22.76 -5.54
C LEU A 194 2.09 -24.06 -4.99
N GLY A 195 0.97 -24.51 -5.56
CA GLY A 195 0.30 -25.73 -5.13
C GLY A 195 -1.12 -25.43 -4.66
N CYS A 196 -1.84 -24.61 -5.42
CA CYS A 196 -3.25 -24.31 -5.14
C CYS A 196 -4.14 -24.58 -6.36
N SER A 197 -5.44 -24.75 -6.09
CA SER A 197 -6.46 -24.68 -7.12
C SER A 197 -7.01 -23.27 -7.10
N VAL A 198 -6.95 -22.57 -8.23
CA VAL A 198 -7.39 -21.18 -8.29
C VAL A 198 -8.75 -21.08 -8.98
N ILE A 199 -9.71 -20.50 -8.26
CA ILE A 199 -10.97 -20.06 -8.84
C ILE A 199 -10.81 -18.57 -9.18
N PRO A 200 -10.70 -18.23 -10.48
CA PRO A 200 -10.44 -16.85 -10.86
C PRO A 200 -11.70 -15.99 -10.87
N LEU A 201 -11.57 -14.75 -10.40
CA LEU A 201 -12.64 -13.77 -10.48
C LEU A 201 -12.09 -12.48 -11.09
N TYR A 202 -12.64 -12.06 -12.23
CA TYR A 202 -12.23 -10.80 -12.86
C TYR A 202 -10.71 -10.73 -13.09
N CYS A 203 -10.14 -11.80 -13.64
CA CYS A 203 -8.69 -11.87 -13.82
C CYS A 203 -8.25 -11.41 -15.22
N GLU A 204 -9.19 -11.19 -16.13
CA GLU A 204 -8.86 -10.58 -17.42
C GLU A 204 -8.47 -9.13 -17.20
N VAL A 205 -7.33 -8.71 -17.73
CA VAL A 205 -6.94 -7.30 -17.63
C VAL A 205 -7.83 -6.46 -18.56
N ASP A 206 -8.52 -5.48 -17.98
CA ASP A 206 -9.45 -4.63 -18.73
C ASP A 206 -9.55 -3.28 -18.02
N GLY A 207 -8.92 -2.26 -18.60
CA GLY A 207 -8.86 -0.92 -18.03
C GLY A 207 -10.16 -0.15 -18.06
N ASN A 208 -11.20 -0.72 -18.66
CA ASN A 208 -12.55 -0.20 -18.51
C ASN A 208 -13.15 -0.51 -17.13
N PHE A 209 -12.54 -1.47 -16.43
CA PHE A 209 -13.03 -1.95 -15.13
C PHE A 209 -14.56 -2.14 -15.12
N PRO A 210 -15.05 -3.09 -15.94
CA PRO A 210 -16.49 -3.26 -16.16
C PRO A 210 -17.22 -3.99 -15.02
N ASN A 211 -16.46 -4.61 -14.12
CA ASN A 211 -17.02 -5.23 -12.92
C ASN A 211 -16.71 -4.28 -11.76
N HIS A 212 -16.54 -4.79 -10.55
CA HIS A 212 -16.20 -3.91 -9.42
C HIS A 212 -14.84 -3.22 -9.56
N HIS A 213 -14.72 -2.04 -8.96
CA HIS A 213 -13.46 -1.31 -8.87
C HIS A 213 -12.40 -2.17 -8.17
N PRO A 214 -11.14 -2.17 -8.66
CA PRO A 214 -10.11 -3.03 -8.05
C PRO A 214 -9.50 -2.38 -6.79
N ASP A 215 -10.31 -2.33 -5.74
CA ASP A 215 -9.96 -1.71 -4.46
C ASP A 215 -10.46 -2.61 -3.34
N PRO A 216 -9.63 -3.57 -2.91
CA PRO A 216 -10.01 -4.52 -1.84
C PRO A 216 -10.17 -3.92 -0.45
N GLY A 217 -9.89 -2.63 -0.28
CA GLY A 217 -10.06 -1.95 1.01
C GLY A 217 -11.52 -1.72 1.37
N LYS A 218 -12.36 -1.49 0.35
CA LYS A 218 -13.80 -1.31 0.54
C LYS A 218 -14.51 -2.68 0.52
N PRO A 219 -15.27 -3.03 1.58
CA PRO A 219 -15.99 -4.32 1.62
C PRO A 219 -16.88 -4.64 0.40
N GLU A 220 -17.37 -3.61 -0.27
CA GLU A 220 -18.31 -3.80 -1.37
C GLU A 220 -17.63 -4.42 -2.60
N ASN A 221 -16.33 -4.21 -2.72
CA ASN A 221 -15.54 -4.82 -3.79
C ASN A 221 -15.03 -6.22 -3.41
N LEU A 222 -15.43 -6.69 -2.23
CA LEU A 222 -15.13 -8.04 -1.79
C LEU A 222 -16.37 -8.93 -1.75
N LYS A 223 -17.53 -8.37 -2.10
CA LYS A 223 -18.79 -9.10 -2.03
C LYS A 223 -18.79 -10.34 -2.91
N ASP A 224 -18.32 -10.18 -4.15
CA ASP A 224 -18.27 -11.29 -5.11
C ASP A 224 -17.27 -12.38 -4.68
N LEU A 225 -16.12 -11.95 -4.16
CA LEU A 225 -15.12 -12.86 -3.59
C LEU A 225 -15.66 -13.72 -2.45
N ILE A 226 -16.31 -13.07 -1.50
CA ILE A 226 -16.88 -13.76 -0.34
C ILE A 226 -17.93 -14.79 -0.78
N ALA A 227 -18.85 -14.38 -1.63
CA ALA A 227 -19.88 -15.29 -2.13
C ALA A 227 -19.26 -16.49 -2.83
N LYS A 228 -18.25 -16.24 -3.66
CA LYS A 228 -17.60 -17.32 -4.40
C LYS A 228 -16.83 -18.28 -3.47
N VAL A 229 -16.18 -17.75 -2.45
CA VAL A 229 -15.44 -18.58 -1.49
C VAL A 229 -16.38 -19.56 -0.79
N LYS A 230 -17.55 -19.06 -0.41
CA LYS A 230 -18.55 -19.87 0.27
C LYS A 230 -19.18 -20.87 -0.67
N ALA A 231 -19.60 -20.40 -1.85
CA ALA A 231 -20.28 -21.25 -2.83
C ALA A 231 -19.39 -22.38 -3.36
N GLU A 232 -18.07 -22.16 -3.37
CA GLU A 232 -17.12 -23.17 -3.86
C GLU A 232 -16.43 -23.95 -2.73
N ASN A 233 -16.75 -23.63 -1.47
CA ASN A 233 -16.13 -24.28 -0.30
C ASN A 233 -14.60 -24.13 -0.31
N ALA A 234 -14.14 -22.93 -0.66
CA ALA A 234 -12.72 -22.65 -0.81
C ALA A 234 -12.06 -22.42 0.54
N ASP A 235 -10.74 -22.56 0.57
CA ASP A 235 -9.99 -22.39 1.83
C ASP A 235 -9.71 -20.92 2.16
N LEU A 236 -9.75 -20.07 1.14
CA LEU A 236 -9.32 -18.69 1.27
C LEU A 236 -9.72 -17.89 0.05
N GLY A 237 -9.99 -16.60 0.27
CA GLY A 237 -10.19 -15.67 -0.83
C GLY A 237 -9.15 -14.56 -0.77
N LEU A 238 -8.62 -14.21 -1.94
CA LEU A 238 -7.67 -13.12 -2.08
C LEU A 238 -8.17 -12.13 -3.12
N ALA A 239 -7.98 -10.83 -2.83
CA ALA A 239 -8.37 -9.77 -3.75
C ALA A 239 -7.19 -8.82 -3.88
N PHE A 240 -6.86 -8.49 -5.13
CA PHE A 240 -5.76 -7.59 -5.43
C PHE A 240 -6.29 -6.26 -5.88
N ASP A 241 -5.55 -5.19 -5.58
CA ASP A 241 -5.91 -3.89 -6.11
C ASP A 241 -5.38 -3.79 -7.54
N GLY A 242 -5.75 -2.70 -8.21
CA GLY A 242 -5.51 -2.53 -9.64
C GLY A 242 -4.07 -2.71 -10.12
N ASP A 243 -3.11 -2.30 -9.31
CA ASP A 243 -1.72 -2.39 -9.67
C ASP A 243 -0.95 -3.48 -8.89
N GLY A 244 -1.63 -4.17 -7.97
CA GLY A 244 -1.06 -5.36 -7.31
C GLY A 244 -0.12 -5.16 -6.13
N ASP A 245 -0.03 -3.94 -5.62
CA ASP A 245 0.78 -3.70 -4.41
C ASP A 245 -0.03 -3.78 -3.12
N ARG A 246 -1.34 -4.03 -3.24
CA ARG A 246 -2.21 -4.26 -2.08
C ARG A 246 -3.00 -5.56 -2.29
N VAL A 247 -3.24 -6.27 -1.18
CA VAL A 247 -4.02 -7.52 -1.20
C VAL A 247 -5.05 -7.51 -0.06
N GLY A 248 -6.26 -7.98 -0.34
CA GLY A 248 -7.29 -8.18 0.68
C GLY A 248 -7.51 -9.66 0.85
N VAL A 249 -7.93 -10.06 2.04
CA VAL A 249 -7.99 -11.46 2.45
C VAL A 249 -9.32 -11.79 3.13
N VAL A 250 -9.92 -12.90 2.73
CA VAL A 250 -11.10 -13.40 3.40
C VAL A 250 -10.96 -14.89 3.73
N THR A 251 -11.49 -15.28 4.88
CA THR A 251 -11.35 -16.65 5.36
C THR A 251 -12.31 -17.58 4.63
N ASN A 252 -12.14 -18.88 4.86
CA ASN A 252 -13.06 -19.89 4.31
C ASN A 252 -14.53 -19.69 4.69
N THR A 253 -14.80 -18.96 5.78
CA THR A 253 -16.17 -18.61 6.19
C THR A 253 -16.62 -17.23 5.69
N GLY A 254 -15.74 -16.53 4.97
CA GLY A 254 -16.06 -15.20 4.43
C GLY A 254 -15.69 -14.00 5.30
N THR A 255 -15.00 -14.24 6.41
CA THR A 255 -14.55 -13.16 7.30
C THR A 255 -13.43 -12.36 6.65
N ILE A 256 -13.60 -11.03 6.62
CA ILE A 256 -12.57 -10.15 6.08
C ILE A 256 -11.47 -10.00 7.14
N ILE A 257 -10.23 -10.23 6.73
CA ILE A 257 -9.08 -10.09 7.59
C ILE A 257 -8.33 -8.81 7.25
N TYR A 258 -8.33 -7.84 8.18
CA TYR A 258 -7.70 -6.56 7.92
C TYR A 258 -6.20 -6.63 8.11
N PRO A 259 -5.46 -5.71 7.48
CA PRO A 259 -4.02 -5.83 7.45
C PRO A 259 -3.36 -5.89 8.81
N ASP A 260 -3.93 -5.25 9.83
CA ASP A 260 -3.27 -5.30 11.12
C ASP A 260 -3.34 -6.71 11.72
N ARG A 261 -4.43 -7.40 11.46
CA ARG A 261 -4.59 -8.81 11.86
C ARG A 261 -3.74 -9.76 11.00
N LEU A 262 -3.68 -9.48 9.70
CA LEU A 262 -2.74 -10.18 8.80
C LEU A 262 -1.30 -10.06 9.31
N LEU A 263 -0.92 -8.87 9.76
CA LEU A 263 0.44 -8.63 10.30
C LEU A 263 0.74 -9.39 11.59
N MET A 264 -0.28 -9.73 12.36
CA MET A 264 -0.07 -10.56 13.56
C MET A 264 0.46 -11.92 13.19
N LEU A 265 -0.12 -12.51 12.14
CA LEU A 265 0.32 -13.82 11.66
C LEU A 265 1.72 -13.74 11.05
N PHE A 266 1.92 -12.73 10.21
CA PHE A 266 3.21 -12.52 9.56
C PHE A 266 4.31 -12.21 10.58
N ALA A 267 4.02 -11.34 11.55
CA ALA A 267 5.03 -10.98 12.56
C ALA A 267 5.43 -12.18 13.41
N LYS A 268 4.46 -12.98 13.84
CA LYS A 268 4.76 -14.21 14.56
C LYS A 268 5.75 -15.05 13.77
N ASP A 269 5.50 -15.18 12.47
CA ASP A 269 6.34 -15.98 11.60
C ASP A 269 7.74 -15.41 11.40
N VAL A 270 7.81 -14.12 11.07
CA VAL A 270 9.08 -13.46 10.82
C VAL A 270 9.95 -13.43 12.09
N VAL A 271 9.35 -13.02 13.20
CA VAL A 271 10.06 -12.93 14.46
C VAL A 271 10.52 -14.32 14.94
N SER A 272 9.73 -15.37 14.66
CA SER A 272 10.13 -16.75 15.03
C SER A 272 11.53 -17.08 14.55
N ARG A 273 11.92 -16.56 13.39
CA ARG A 273 13.24 -16.83 12.82
C ARG A 273 14.23 -15.70 13.00
N ASN A 274 13.78 -14.57 13.55
CA ASN A 274 14.60 -13.37 13.63
C ASN A 274 14.35 -12.67 14.96
N PRO A 275 14.95 -13.20 16.04
CA PRO A 275 14.71 -12.60 17.36
C PRO A 275 15.09 -11.11 17.39
N GLY A 276 14.22 -10.29 17.98
CA GLY A 276 14.47 -8.86 18.11
C GLY A 276 14.16 -8.04 16.87
N ALA A 277 13.60 -8.66 15.84
CA ALA A 277 13.35 -7.99 14.56
C ALA A 277 12.42 -6.79 14.75
N ASP A 278 12.77 -5.67 14.12
CA ASP A 278 11.84 -4.53 14.09
C ASP A 278 10.69 -4.84 13.14
N ILE A 279 9.48 -4.54 13.59
CA ILE A 279 8.26 -4.69 12.80
C ILE A 279 7.49 -3.36 12.83
N ILE A 280 7.20 -2.81 11.64
CA ILE A 280 6.57 -1.51 11.51
C ILE A 280 5.09 -1.62 11.11
N PHE A 281 4.27 -0.77 11.71
CA PHE A 281 2.84 -0.68 11.39
C PHE A 281 2.44 0.78 11.53
N ASP A 282 1.25 1.15 11.07
CA ASP A 282 0.85 2.57 11.13
C ASP A 282 -0.05 2.92 12.30
N VAL A 283 -0.36 4.20 12.44
CA VAL A 283 -1.17 4.67 13.55
C VAL A 283 -2.63 4.20 13.53
N LYS A 284 -3.06 3.54 12.47
CA LYS A 284 -4.43 3.04 12.40
C LYS A 284 -4.56 1.55 12.80
N CYS A 285 -3.44 0.94 13.21
CA CYS A 285 -3.41 -0.48 13.52
C CYS A 285 -3.78 -0.76 14.96
N THR A 286 -4.49 -1.88 15.17
CA THR A 286 -4.88 -2.32 16.51
C THR A 286 -3.71 -2.37 17.49
N ARG A 287 -3.95 -1.89 18.70
CA ARG A 287 -2.98 -1.99 19.79
C ARG A 287 -2.63 -3.44 20.15
N ARG A 288 -3.46 -4.42 19.75
CA ARG A 288 -3.11 -5.84 19.95
C ARG A 288 -1.89 -6.28 19.13
N LEU A 289 -1.62 -5.57 18.05
CA LEU A 289 -0.49 -5.90 17.20
C LEU A 289 0.81 -5.56 17.91
N ILE A 290 0.79 -4.44 18.61
CA ILE A 290 1.95 -3.96 19.39
C ILE A 290 2.35 -4.97 20.47
N ALA A 291 1.36 -5.42 21.24
CA ALA A 291 1.58 -6.35 22.35
C ALA A 291 2.07 -7.69 21.81
N LEU A 292 1.45 -8.14 20.73
CA LEU A 292 1.75 -9.41 20.08
C LEU A 292 3.20 -9.44 19.60
N ILE A 293 3.64 -8.37 18.94
CA ILE A 293 5.01 -8.27 18.43
C ILE A 293 6.00 -8.32 19.58
N SER A 294 5.74 -7.50 20.58
CA SER A 294 6.58 -7.47 21.76
C SER A 294 6.63 -8.84 22.48
N GLY A 295 5.49 -9.52 22.57
CA GLY A 295 5.40 -10.80 23.27
C GLY A 295 6.21 -11.90 22.60
N TYR A 296 6.31 -11.86 21.27
CA TYR A 296 7.17 -12.82 20.57
C TYR A 296 8.62 -12.37 20.54
N GLY A 297 8.92 -11.23 21.17
CA GLY A 297 10.30 -10.74 21.25
C GLY A 297 10.74 -9.80 20.14
N GLY A 298 9.81 -9.37 19.29
CA GLY A 298 10.08 -8.38 18.25
C GLY A 298 10.06 -6.98 18.80
N ARG A 299 10.44 -6.00 17.97
CA ARG A 299 10.48 -4.59 18.38
C ARG A 299 9.43 -3.84 17.57
N PRO A 300 8.27 -3.53 18.18
CA PRO A 300 7.21 -2.88 17.42
C PRO A 300 7.50 -1.40 17.20
N VAL A 301 7.32 -0.93 15.98
CA VAL A 301 7.57 0.47 15.63
C VAL A 301 6.31 1.03 14.99
N MET A 302 5.62 1.89 15.71
CA MET A 302 4.46 2.54 15.12
C MET A 302 4.97 3.70 14.25
N TRP A 303 4.44 3.81 13.03
CA TRP A 303 4.82 4.92 12.16
C TRP A 303 3.61 5.58 11.45
N LYS A 304 3.90 6.55 10.59
CA LYS A 304 2.90 7.33 9.88
C LYS A 304 2.25 6.49 8.80
N THR A 305 1.03 6.86 8.43
CA THR A 305 0.34 6.29 7.26
C THR A 305 1.06 6.68 5.98
N GLY A 306 0.91 5.87 4.94
N GLY A 306 0.94 5.85 4.94
CA GLY A 306 1.56 6.12 3.65
CA GLY A 306 1.50 6.15 3.61
C GLY A 306 2.03 4.81 3.05
C GLY A 306 2.61 5.20 3.21
N HIS A 307 2.71 4.87 1.91
CA HIS A 307 3.50 3.73 1.44
C HIS A 307 4.97 4.11 1.38
N SER A 308 5.27 5.31 0.87
CA SER A 308 6.64 5.76 0.77
C SER A 308 7.24 5.97 2.15
N LEU A 309 6.41 6.40 3.09
CA LEU A 309 6.87 6.73 4.44
C LEU A 309 7.23 5.45 5.20
N ILE A 310 6.36 4.45 5.12
CA ILE A 310 6.65 3.13 5.73
C ILE A 310 7.87 2.49 5.11
N LYS A 311 7.98 2.56 3.78
CA LYS A 311 9.14 2.05 3.06
C LYS A 311 10.45 2.69 3.51
N LYS A 312 10.44 4.01 3.67
CA LYS A 312 11.61 4.76 4.17
C LYS A 312 11.93 4.37 5.60
N LYS A 313 10.91 4.29 6.44
CA LYS A 313 11.11 3.93 7.83
C LYS A 313 11.75 2.53 7.94
N MET A 314 11.36 1.62 7.03
CA MET A 314 11.92 0.27 7.02
CA MET A 314 11.90 0.26 7.00
C MET A 314 13.42 0.28 6.82
N LYS A 315 13.86 1.05 5.84
CA LYS A 315 15.28 1.22 5.55
C LYS A 315 16.01 1.83 6.73
N GLU A 316 15.39 2.81 7.40
CA GLU A 316 16.05 3.48 8.52
C GLU A 316 16.16 2.65 9.79
N THR A 317 15.26 1.68 9.97
CA THR A 317 15.19 0.90 11.21
C THR A 317 15.76 -0.50 11.05
N GLY A 318 15.97 -0.96 9.82
CA GLY A 318 16.33 -2.34 9.53
C GLY A 318 15.16 -3.33 9.70
N ALA A 319 13.93 -2.82 9.70
CA ALA A 319 12.73 -3.67 9.91
C ALA A 319 12.62 -4.78 8.87
N LEU A 320 12.21 -5.97 9.32
CA LEU A 320 12.05 -7.13 8.43
C LEU A 320 10.65 -7.28 7.87
N LEU A 321 9.69 -6.55 8.46
CA LEU A 321 8.30 -6.61 8.07
C LEU A 321 7.66 -5.26 8.41
N ALA A 322 6.81 -4.78 7.51
CA ALA A 322 5.95 -3.64 7.77
C ALA A 322 4.61 -3.88 7.11
N GLY A 323 3.59 -3.21 7.62
CA GLY A 323 2.31 -3.13 6.94
C GLY A 323 1.54 -1.90 7.33
N GLU A 324 0.49 -1.61 6.60
CA GLU A 324 -0.43 -0.57 7.01
C GLU A 324 -1.86 -0.90 6.65
N MET A 325 -2.78 -0.15 7.25
CA MET A 325 -4.20 -0.50 7.19
C MET A 325 -4.84 -0.46 5.79
N SER A 326 -4.22 0.23 4.84
N SER A 326 -4.22 0.22 4.84
CA SER A 326 -4.72 0.22 3.45
CA SER A 326 -4.73 0.22 3.46
C SER A 326 -4.35 -1.04 2.68
C SER A 326 -4.37 -1.05 2.69
N GLY A 327 -3.61 -1.97 3.29
CA GLY A 327 -3.36 -3.28 2.69
C GLY A 327 -1.99 -3.46 2.07
N HIS A 328 -1.13 -2.45 2.18
CA HIS A 328 0.24 -2.59 1.72
C HIS A 328 1.05 -3.37 2.78
N VAL A 329 1.69 -4.47 2.36
CA VAL A 329 2.51 -5.31 3.23
C VAL A 329 3.91 -5.42 2.66
N PHE A 330 4.91 -5.14 3.50
CA PHE A 330 6.30 -4.99 3.07
C PHE A 330 7.16 -6.06 3.73
N PHE A 331 7.67 -7.00 2.95
CA PHE A 331 8.58 -8.01 3.45
C PHE A 331 9.99 -7.62 3.06
N LYS A 332 10.89 -7.57 4.02
CA LYS A 332 12.33 -7.50 3.76
C LYS A 332 12.95 -8.89 3.96
N GLU A 333 12.53 -9.59 5.01
CA GLU A 333 13.00 -10.95 5.24
C GLU A 333 12.66 -11.81 4.02
N ARG A 334 13.70 -12.45 3.46
CA ARG A 334 13.60 -13.29 2.26
C ARG A 334 13.15 -12.51 1.02
N TRP A 335 13.15 -11.18 1.10
CA TRP A 335 12.61 -10.37 0.02
C TRP A 335 13.40 -9.05 -0.09
N PHE A 336 12.75 -7.99 -0.57
CA PHE A 336 13.44 -6.77 -0.95
C PHE A 336 12.94 -5.53 -0.22
N GLY A 337 11.91 -5.68 0.61
CA GLY A 337 11.45 -4.57 1.43
C GLY A 337 10.41 -3.66 0.84
N PHE A 338 9.97 -3.91 -0.40
CA PHE A 338 8.89 -3.10 -0.97
C PHE A 338 7.53 -3.77 -0.79
N ASP A 339 6.47 -2.98 -0.94
CA ASP A 339 5.09 -3.48 -0.83
C ASP A 339 4.72 -4.31 -2.05
N ASP A 340 4.09 -5.46 -1.80
CA ASP A 340 3.83 -6.44 -2.85
C ASP A 340 2.69 -7.34 -2.38
N GLY A 341 1.49 -7.15 -2.95
CA GLY A 341 0.34 -7.94 -2.57
C GLY A 341 0.48 -9.38 -3.03
N ILE A 342 1.12 -9.57 -4.17
CA ILE A 342 1.28 -10.90 -4.76
C ILE A 342 2.26 -11.75 -3.95
N TYR A 343 3.39 -11.19 -3.56
CA TYR A 343 4.32 -11.89 -2.68
C TYR A 343 3.71 -12.08 -1.26
N SER A 344 3.01 -11.09 -0.73
CA SER A 344 2.35 -11.24 0.58
C SER A 344 1.33 -12.39 0.57
N ALA A 345 0.58 -12.49 -0.52
CA ALA A 345 -0.33 -13.61 -0.73
C ALA A 345 0.40 -14.96 -0.68
N ALA A 346 1.54 -15.03 -1.36
CA ALA A 346 2.38 -16.22 -1.35
C ALA A 346 2.83 -16.54 0.07
N ARG A 347 3.30 -15.52 0.79
CA ARG A 347 3.76 -15.70 2.16
C ARG A 347 2.62 -16.16 3.08
N LEU A 348 1.42 -15.66 2.83
CA LEU A 348 0.25 -16.05 3.63
C LEU A 348 -0.11 -17.50 3.36
N LEU A 349 -0.21 -17.86 2.08
CA LEU A 349 -0.50 -19.23 1.68
C LEU A 349 0.52 -20.21 2.26
N GLU A 350 1.78 -19.78 2.33
CA GLU A 350 2.82 -20.63 2.88
C GLU A 350 2.52 -20.99 4.34
N ILE A 351 2.16 -19.98 5.13
CA ILE A 351 1.88 -20.15 6.56
C ILE A 351 0.61 -20.98 6.78
N LEU A 352 -0.47 -20.61 6.11
CA LEU A 352 -1.76 -21.31 6.24
C LEU A 352 -1.71 -22.75 5.77
N SER A 353 -0.91 -23.03 4.74
CA SER A 353 -0.76 -24.41 4.27
C SER A 353 -0.07 -25.31 5.29
N GLN A 354 0.61 -24.71 6.26
CA GLN A 354 1.29 -25.44 7.33
C GLN A 354 0.44 -25.61 8.60
N ASP A 355 -0.79 -25.12 8.56
CA ASP A 355 -1.72 -25.27 9.68
C ASP A 355 -2.86 -26.19 9.27
N GLN A 356 -3.15 -27.19 10.10
CA GLN A 356 -4.27 -28.11 9.86
C GLN A 356 -5.64 -27.46 10.07
N ARG A 357 -5.67 -26.34 10.79
CA ARG A 357 -6.93 -25.60 11.00
C ARG A 357 -7.29 -24.81 9.77
N ASP A 358 -8.57 -24.47 9.62
CA ASP A 358 -8.97 -23.62 8.51
C ASP A 358 -8.57 -22.16 8.78
N SER A 359 -8.55 -21.34 7.72
CA SER A 359 -8.10 -19.96 7.83
C SER A 359 -8.93 -19.15 8.84
N GLU A 360 -10.22 -19.47 8.95
CA GLU A 360 -11.09 -18.79 9.92
C GLU A 360 -10.54 -18.95 11.35
N HIS A 361 -10.19 -20.18 11.71
CA HIS A 361 -9.68 -20.49 13.06
C HIS A 361 -8.25 -20.01 13.32
N VAL A 362 -7.40 -20.05 12.30
CA VAL A 362 -6.05 -19.51 12.44
C VAL A 362 -6.14 -18.03 12.87
N PHE A 363 -6.94 -17.27 12.15
CA PHE A 363 -7.08 -15.84 12.46
C PHE A 363 -7.93 -15.54 13.68
N SER A 364 -8.97 -16.35 13.94
CA SER A 364 -9.84 -16.08 15.08
C SER A 364 -9.18 -16.36 16.43
N ALA A 365 -8.05 -17.07 16.41
CA ALA A 365 -7.32 -17.43 17.62
C ALA A 365 -6.67 -16.21 18.28
N PHE A 366 -6.28 -15.23 17.48
CA PHE A 366 -5.66 -14.01 17.99
C PHE A 366 -6.70 -13.15 18.73
N PRO A 367 -6.24 -12.32 19.68
CA PRO A 367 -7.23 -11.53 20.45
C PRO A 367 -7.89 -10.46 19.57
N SER A 368 -9.13 -10.11 19.88
CA SER A 368 -9.87 -9.11 19.12
C SER A 368 -10.53 -8.11 20.05
N ASP A 369 -10.37 -6.84 19.71
CA ASP A 369 -11.05 -5.75 20.39
C ASP A 369 -12.31 -5.39 19.60
N ILE A 370 -13.21 -4.63 20.21
CA ILE A 370 -14.36 -4.10 19.51
C ILE A 370 -13.85 -2.87 18.75
N SER A 371 -13.96 -2.91 17.42
CA SER A 371 -13.51 -1.82 16.58
C SER A 371 -14.72 -1.11 15.99
N THR A 372 -14.61 0.20 15.83
CA THR A 372 -15.63 0.96 15.13
C THR A 372 -15.23 0.98 13.66
N PRO A 373 -16.20 0.96 12.73
CA PRO A 373 -15.76 1.17 11.36
C PRO A 373 -15.16 2.56 11.25
N GLU A 374 -14.12 2.71 10.43
CA GLU A 374 -13.49 3.99 10.22
C GLU A 374 -14.52 5.11 9.98
N ILE A 375 -14.25 6.26 10.59
CA ILE A 375 -15.13 7.40 10.59
C ILE A 375 -14.50 8.55 9.80
N ASN A 376 -15.28 9.20 8.95
CA ASN A 376 -14.82 10.35 8.18
C ASN A 376 -15.72 11.54 8.48
N ILE A 377 -15.09 12.68 8.77
CA ILE A 377 -15.80 13.93 9.01
C ILE A 377 -15.34 14.92 7.96
N THR A 378 -16.26 15.36 7.11
CA THR A 378 -15.91 16.35 6.09
C THR A 378 -15.88 17.74 6.74
N VAL A 379 -14.69 18.33 6.71
CA VAL A 379 -14.47 19.68 7.20
C VAL A 379 -14.14 20.49 5.95
N THR A 380 -13.17 21.39 6.00
CA THR A 380 -12.75 22.12 4.82
C THR A 380 -11.26 21.95 4.62
N GLU A 381 -10.82 22.22 3.40
CA GLU A 381 -9.40 22.11 3.07
C GLU A 381 -8.60 23.11 3.90
N ASP A 382 -9.16 24.29 4.14
CA ASP A 382 -8.49 25.35 4.90
C ASP A 382 -8.29 25.01 6.39
N SER A 383 -9.17 24.18 6.94
CA SER A 383 -9.21 23.94 8.39
C SER A 383 -8.59 22.61 8.85
N LYS A 384 -8.53 21.62 7.98
CA LYS A 384 -8.22 20.24 8.40
C LYS A 384 -6.91 20.10 9.18
N PHE A 385 -5.82 20.69 8.69
CA PHE A 385 -4.56 20.60 9.44
C PHE A 385 -4.59 21.46 10.71
N ALA A 386 -5.24 22.63 10.64
CA ALA A 386 -5.38 23.52 11.78
C ALA A 386 -6.13 22.85 12.93
N ILE A 387 -7.17 22.08 12.61
CA ILE A 387 -7.93 21.37 13.66
C ILE A 387 -7.02 20.41 14.41
N ILE A 388 -6.22 19.64 13.67
CA ILE A 388 -5.27 18.74 14.32
C ILE A 388 -4.24 19.52 15.15
N GLU A 389 -3.73 20.61 14.59
CA GLU A 389 -2.74 21.42 15.32
C GLU A 389 -3.30 21.97 16.62
N ALA A 390 -4.58 22.33 16.58
CA ALA A 390 -5.30 22.83 17.76
C ALA A 390 -5.46 21.73 18.81
N LEU A 391 -5.78 20.51 18.36
CA LEU A 391 -5.88 19.39 19.28
C LEU A 391 -4.52 19.14 19.93
N GLN A 392 -3.49 19.11 19.11
CA GLN A 392 -2.12 18.93 19.61
C GLN A 392 -1.74 20.01 20.62
N ARG A 393 -2.25 21.24 20.44
CA ARG A 393 -1.95 22.33 21.39
C ARG A 393 -2.80 22.27 22.66
N ASP A 394 -4.11 22.15 22.48
CA ASP A 394 -5.07 22.44 23.56
C ASP A 394 -5.66 21.19 24.21
N ALA A 395 -5.68 20.06 23.51
CA ALA A 395 -6.44 18.91 23.99
C ALA A 395 -5.85 18.29 25.26
N GLN A 396 -6.75 17.78 26.11
CA GLN A 396 -6.38 17.04 27.31
C GLN A 396 -6.94 15.62 27.18
N TRP A 397 -6.09 14.63 27.35
CA TRP A 397 -6.49 13.24 27.11
C TRP A 397 -6.34 12.35 28.33
N GLY A 398 -6.07 12.94 29.49
CA GLY A 398 -5.73 12.17 30.69
C GLY A 398 -4.47 11.37 30.43
N GLU A 399 -4.11 10.50 31.35
CA GLU A 399 -2.97 9.59 31.16
C GLU A 399 -3.21 8.77 29.90
N GLY A 400 -2.70 9.27 28.78
CA GLY A 400 -3.14 8.82 27.48
C GLY A 400 -2.16 8.01 26.65
N ASN A 401 -0.86 8.12 26.92
CA ASN A 401 0.15 7.75 25.92
C ASN A 401 -0.23 8.40 24.56
N ILE A 402 0.16 9.66 24.41
CA ILE A 402 -0.16 10.45 23.25
C ILE A 402 0.91 10.26 22.18
N THR A 403 0.45 10.00 20.96
CA THR A 403 1.30 9.86 19.78
C THR A 403 0.86 10.92 18.74
N THR A 404 1.80 11.71 18.24
CA THR A 404 1.47 12.81 17.31
C THR A 404 2.27 12.74 16.02
N LEU A 405 2.68 11.53 15.64
CA LEU A 405 3.38 11.31 14.38
C LEU A 405 2.49 11.61 13.17
N ASP A 406 1.21 11.32 13.31
CA ASP A 406 0.27 11.44 12.21
C ASP A 406 -1.11 11.69 12.80
N GLY A 407 -1.44 12.97 12.97
CA GLY A 407 -2.63 13.34 13.72
C GLY A 407 -2.41 13.14 15.21
N VAL A 408 -3.45 12.74 15.93
CA VAL A 408 -3.33 12.47 17.35
C VAL A 408 -3.92 11.09 17.63
N ARG A 409 -3.04 10.18 18.04
CA ARG A 409 -3.46 8.88 18.52
C ARG A 409 -3.24 8.84 20.02
N VAL A 410 -4.19 8.24 20.75
CA VAL A 410 -4.07 8.11 22.19
C VAL A 410 -4.33 6.67 22.59
N ASP A 411 -3.35 6.05 23.23
CA ASP A 411 -3.45 4.67 23.67
C ASP A 411 -3.70 4.61 25.16
N TYR A 412 -4.83 4.01 25.52
CA TYR A 412 -5.20 3.76 26.90
C TYR A 412 -4.90 2.29 27.21
N PRO A 413 -4.98 1.89 28.49
CA PRO A 413 -4.69 0.49 28.81
C PRO A 413 -5.56 -0.54 28.07
N LYS A 414 -6.84 -0.23 27.86
CA LYS A 414 -7.78 -1.19 27.28
C LYS A 414 -8.36 -0.76 25.92
N GLY A 415 -7.77 0.26 25.31
CA GLY A 415 -8.28 0.77 24.03
C GLY A 415 -7.51 1.97 23.49
N TRP A 416 -7.96 2.49 22.36
CA TRP A 416 -7.29 3.62 21.73
C TRP A 416 -8.22 4.33 20.77
N GLY A 417 -7.84 5.56 20.44
CA GLY A 417 -8.54 6.40 19.47
C GLY A 417 -7.53 7.15 18.62
N LEU A 418 -7.91 7.46 17.38
CA LEU A 418 -7.06 8.22 16.45
C LEU A 418 -7.90 9.27 15.73
N VAL A 419 -7.35 10.48 15.60
CA VAL A 419 -7.88 11.47 14.65
C VAL A 419 -6.71 12.05 13.84
N ARG A 420 -6.88 12.07 12.54
CA ARG A 420 -5.88 12.62 11.64
C ARG A 420 -6.54 13.31 10.46
N ALA A 421 -5.79 14.16 9.79
CA ALA A 421 -6.28 14.87 8.61
C ALA A 421 -5.90 14.03 7.42
N SER A 422 -6.85 13.83 6.51
CA SER A 422 -6.57 13.18 5.26
C SER A 422 -5.63 14.06 4.47
N ASN A 423 -4.59 13.50 3.89
CA ASN A 423 -3.71 14.29 3.03
C ASN A 423 -4.41 14.79 1.77
N THR A 424 -5.25 13.94 1.16
CA THR A 424 -5.77 14.22 -0.19
C THR A 424 -7.18 14.80 -0.24
N THR A 425 -7.95 14.65 0.86
CA THR A 425 -9.35 15.07 0.87
C THR A 425 -9.59 15.98 2.06
N PRO A 426 -10.64 16.84 2.02
CA PRO A 426 -10.93 17.76 3.14
C PRO A 426 -11.66 17.04 4.28
N VAL A 427 -10.97 16.11 4.91
CA VAL A 427 -11.63 15.14 5.76
C VAL A 427 -10.77 14.83 6.99
N LEU A 428 -11.43 14.71 8.14
CA LEU A 428 -10.84 14.12 9.36
C LEU A 428 -11.18 12.64 9.43
N VAL A 429 -10.18 11.81 9.69
CA VAL A 429 -10.34 10.36 9.73
C VAL A 429 -10.13 9.89 11.16
N LEU A 430 -11.07 9.10 11.67
CA LEU A 430 -10.98 8.61 13.04
C LEU A 430 -11.15 7.11 13.11
N ARG A 431 -10.45 6.49 14.04
CA ARG A 431 -10.67 5.09 14.40
C ARG A 431 -10.66 4.94 15.91
N PHE A 432 -11.47 4.00 16.40
CA PHE A 432 -11.59 3.71 17.81
C PHE A 432 -11.67 2.20 18.00
N GLU A 433 -11.00 1.71 19.03
CA GLU A 433 -11.05 0.30 19.35
C GLU A 433 -10.90 0.12 20.84
N ALA A 434 -11.68 -0.80 21.41
CA ALA A 434 -11.52 -1.14 22.82
C ALA A 434 -11.88 -2.59 23.07
N ASP A 435 -11.48 -3.09 24.22
CA ASP A 435 -11.81 -4.47 24.60
C ASP A 435 -13.24 -4.58 25.11
N THR A 436 -13.73 -3.51 25.77
CA THR A 436 -15.11 -3.46 26.24
C THR A 436 -15.91 -2.48 25.38
N GLU A 437 -17.22 -2.70 25.30
CA GLU A 437 -18.11 -1.75 24.60
C GLU A 437 -18.24 -0.48 25.45
N GLU A 438 -18.08 -0.65 26.76
CA GLU A 438 -18.01 0.48 27.69
C GLU A 438 -16.79 1.35 27.41
N GLU A 439 -15.62 0.73 27.30
CA GLU A 439 -14.38 1.47 27.01
C GLU A 439 -14.47 2.22 25.71
N LEU A 440 -15.00 1.57 24.68
CA LEU A 440 -15.11 2.18 23.36
C LEU A 440 -15.89 3.48 23.50
N GLU A 441 -17.09 3.40 24.06
CA GLU A 441 -17.95 4.57 24.26
C GLU A 441 -17.37 5.66 25.19
N ARG A 442 -16.28 5.24 25.98
CA ARG A 442 -15.59 6.22 26.82
C ARG A 442 -14.51 6.95 26.03
N ILE A 443 -13.76 6.21 25.24
CA ILE A 443 -12.70 6.81 24.41
C ILE A 443 -13.37 7.71 23.36
N LYS A 444 -14.41 7.19 22.71
CA LYS A 444 -15.26 7.98 21.82
C LYS A 444 -15.76 9.26 22.48
N THR A 445 -16.18 9.15 23.74
CA THR A 445 -16.64 10.32 24.51
C THR A 445 -15.56 11.40 24.70
N VAL A 446 -14.36 10.99 25.08
CA VAL A 446 -13.21 11.89 25.21
C VAL A 446 -12.88 12.63 23.89
N PHE A 447 -12.73 11.88 22.80
CA PHE A 447 -12.42 12.49 21.50
C PHE A 447 -13.48 13.47 21.05
N ARG A 448 -14.75 13.10 21.20
CA ARG A 448 -15.86 13.99 20.92
C ARG A 448 -15.74 15.30 21.71
N ASN A 449 -15.46 15.17 23.00
CA ASN A 449 -15.28 16.34 23.86
C ASN A 449 -14.13 17.25 23.40
N GLN A 450 -13.00 16.66 23.04
CA GLN A 450 -11.81 17.42 22.67
C GLN A 450 -11.95 18.12 21.31
N LEU A 451 -12.63 17.46 20.37
CA LEU A 451 -12.99 18.09 19.09
C LEU A 451 -13.95 19.26 19.30
N LYS A 452 -14.92 19.05 20.18
CA LYS A 452 -15.88 20.10 20.49
C LYS A 452 -15.24 21.29 21.19
N ALA A 453 -14.18 21.03 21.96
CA ALA A 453 -13.44 22.10 22.63
C ALA A 453 -12.61 22.94 21.63
N VAL A 454 -12.20 22.35 20.51
CA VAL A 454 -11.57 23.10 19.42
C VAL A 454 -12.60 23.93 18.66
N ASP A 455 -13.62 23.24 18.16
CA ASP A 455 -14.71 23.91 17.44
C ASP A 455 -16.04 23.26 17.88
N SER A 456 -16.84 24.00 18.62
CA SER A 456 -18.12 23.50 19.15
C SER A 456 -19.13 23.17 18.04
N SER A 457 -18.88 23.69 16.84
CA SER A 457 -19.79 23.53 15.70
C SER A 457 -19.40 22.37 14.80
N LEU A 458 -18.32 21.67 15.16
CA LEU A 458 -17.82 20.55 14.36
C LEU A 458 -18.82 19.38 14.46
N PRO A 459 -19.13 18.73 13.32
CA PRO A 459 -20.11 17.65 13.31
C PRO A 459 -19.50 16.31 13.71
N VAL A 460 -19.42 16.05 15.02
CA VAL A 460 -18.87 14.79 15.53
C VAL A 460 -19.97 13.72 15.55
N PRO A 461 -19.92 12.74 14.62
CA PRO A 461 -20.98 11.76 14.49
C PRO A 461 -20.66 10.44 15.22
N PHE A 462 -20.40 10.53 16.52
CA PHE A 462 -20.19 9.34 17.35
C PHE A 462 -20.30 9.78 18.80
C1 G16 B . -6.01 7.73 1.96
C2 G16 B . -5.66 6.24 2.05
C3 G16 B . -4.30 5.99 1.42
C4 G16 B . -4.36 6.45 -0.03
C5 G16 B . -4.80 7.91 -0.11
C6 G16 B . -4.95 8.40 -1.54
O1 G16 B . -5.08 8.54 2.65
O2 G16 B . -5.65 5.79 3.39
O3 G16 B . -3.94 4.62 1.50
O4 G16 B . -3.08 6.28 -0.59
O5 G16 B . -6.03 8.12 0.58
O6 G16 B . -6.01 7.70 -2.18
P G16 B . -6.06 7.81 -3.69
O1P G16 B . -4.81 7.25 -4.28
O2P G16 B . -6.25 9.23 -4.11
O3P G16 B . -7.22 7.00 -4.23
P' G16 B . -5.25 10.04 2.80
O1X G16 B . -6.69 10.35 3.10
O2X G16 B . -4.85 10.79 1.56
O3X G16 B . -4.38 10.48 3.95
ZN ZN C . -2.00 -0.26 -5.47
#